data_7ASV
#
_entry.id   7ASV
#
_cell.length_a   41.110
_cell.length_b   75.760
_cell.length_c   62.400
_cell.angle_alpha   90.000
_cell.angle_beta   103.570
_cell.angle_gamma   90.000
#
_symmetry.space_group_name_H-M   'P 1 21 1'
#
loop_
_entity.id
_entity.type
_entity.pdbx_description
1 polymer 'DNA-directed RNA polymerase III subunit RPC5'
2 non-polymer 'ACETATE ION'
3 water water
#
_entity_poly.entity_id   1
_entity_poly.type   'polypeptide(L)'
_entity_poly.pdbx_seq_one_letter_code
;(MSE)ANEEDDPVVQEIDVYLAKSLAEKLYLFQYPVRPAS(MSE)TYDDIPHLSAKIKPKQQKVELE(MSE)AIDTLNPN
YCRSKGEQIALNVDGACADETSTYSSKL(MSE)DKQTFCSSQTTSNTSRYAAALYRQGELHLTPLHGILQLRPSFSYLDK
ADAKHREREAANEAGDSSQDEAEDDVKQITVRFSRPESEQARQRRVQSYEFLQKKHAEEPWVHLHYYGLRDSRSEHERQY
LLCPGSSGVENTELVKSPSEYL(MSE)(MSE)L(MSE)PPSQEEEKDKPVAPSNVLS(MSE)AQLRTLPLADQIKIL
(MSE)KNVKV(MSE)PFANL(MSE)SLLGPSIDSVAVLRGIQKVA(MSE)LVQGNWVVKSDILYPKDSSSPHSGVPAEVL
CRGRDFV(MSE)WKFTQSRWVVRKEVATVTKLCAEDVKDFLEH(MSE)AVVRINKGWEFILPYDGEFIKKHPDVVQRQH
(MSE)LWTGIQAKLEKVYNLVKET(MSE)PKKPDAQSGPAGLVCGDQRIQVAKTKAQQNHALLERELQRRKEQLRVPAVP
PGVRIKEEPVSEEGEEDEEQEAEEEP(MSE)DTSPSGLHSKLANGLPLGRAAGTDSFNGHPPQGCAPTPVARELKAFVEA
TFQRQFVLTLSELKRLFNLHLASLPPGHTLFSGISDR(MSE)LQDTVLAAGCKQILVPFPPQTAASPDEQKVFALWESGD
(MSE)SDQHRQVLLEIFSKNYRVRRN(MSE)IQSRLTQE(CME)GEDLSKQEVDKVLKDCCVSYGG(MSE)WYLKGTVQS
;
_entity_poly.pdbx_strand_id   B,A
#
loop_
_chem_comp.id
_chem_comp.type
_chem_comp.name
_chem_comp.formula
ACT non-polymer 'ACETATE ION' 'C2 H3 O2 -1'
#
# COMPACT_ATOMS: atom_id res chain seq x y z
N ALA A 554 -18.24 -33.04 13.09
CA ALA A 554 -19.17 -31.94 12.89
C ALA A 554 -19.13 -31.35 11.49
N PRO A 555 -20.01 -30.39 11.21
CA PRO A 555 -20.01 -29.78 9.87
C PRO A 555 -18.75 -28.95 9.63
N THR A 556 -18.43 -28.79 8.35
CA THR A 556 -17.29 -27.98 7.93
C THR A 556 -17.84 -26.68 7.34
N PRO A 557 -17.77 -25.58 8.05
CA PRO A 557 -18.45 -24.37 7.59
C PRO A 557 -17.74 -23.73 6.40
N VAL A 558 -18.51 -22.98 5.63
CA VAL A 558 -18.02 -22.45 4.36
C VAL A 558 -17.49 -21.02 4.46
N ALA A 559 -17.90 -20.25 5.46
CA ALA A 559 -17.68 -18.80 5.39
C ALA A 559 -16.20 -18.44 5.31
N ARG A 560 -15.35 -19.10 6.11
CA ARG A 560 -13.94 -18.73 6.10
C ARG A 560 -13.30 -19.05 4.75
N GLU A 561 -13.72 -20.16 4.12
CA GLU A 561 -13.15 -20.56 2.84
C GLU A 561 -13.62 -19.61 1.73
N LEU A 562 -14.89 -19.22 1.78
CA LEU A 562 -15.36 -18.23 0.82
C LEU A 562 -14.62 -16.91 0.99
N LYS A 563 -14.45 -16.47 2.24
CA LYS A 563 -13.77 -15.20 2.47
C LYS A 563 -12.34 -15.24 1.93
N ALA A 564 -11.61 -16.34 2.16
CA ALA A 564 -10.24 -16.38 1.65
C ALA A 564 -10.22 -16.24 0.13
N PHE A 565 -11.16 -16.91 -0.55
CA PHE A 565 -11.23 -16.78 -2.01
C PHE A 565 -11.58 -15.35 -2.44
N VAL A 566 -12.61 -14.77 -1.83
CA VAL A 566 -13.04 -13.42 -2.20
C VAL A 566 -11.94 -12.40 -1.95
N GLU A 567 -11.26 -12.50 -0.80
CA GLU A 567 -10.23 -11.54 -0.45
C GLU A 567 -9.08 -11.59 -1.44
N ALA A 568 -8.60 -12.82 -1.76
CA ALA A 568 -7.55 -12.94 -2.75
C ALA A 568 -7.98 -12.33 -4.09
N THR A 569 -9.21 -12.62 -4.50
CA THR A 569 -9.68 -12.19 -5.81
C THR A 569 -9.76 -10.66 -5.90
N PHE A 570 -10.38 -10.03 -4.91
CA PHE A 570 -10.54 -8.58 -4.99
C PHE A 570 -9.26 -7.81 -4.70
N GLN A 571 -8.37 -8.36 -3.85
CA GLN A 571 -7.07 -7.71 -3.70
C GLN A 571 -6.30 -7.70 -5.01
N ARG A 572 -6.51 -8.73 -5.84
CA ARG A 572 -5.79 -8.82 -7.11
C ARG A 572 -6.42 -7.97 -8.21
N GLN A 573 -7.76 -8.04 -8.32
CA GLN A 573 -8.45 -7.49 -9.48
C GLN A 573 -9.22 -6.20 -9.23
N PHE A 574 -9.52 -5.88 -7.98
CA PHE A 574 -10.17 -4.68 -7.47
C PHE A 574 -11.66 -4.49 -7.81
N VAL A 575 -12.02 -4.68 -9.09
CA VAL A 575 -13.39 -4.47 -9.56
C VAL A 575 -13.75 -5.66 -10.44
N LEU A 576 -14.92 -6.27 -10.18
CA LEU A 576 -15.39 -7.30 -11.10
C LEU A 576 -16.87 -7.55 -10.91
N THR A 577 -17.47 -8.19 -11.89
CA THR A 577 -18.88 -8.51 -11.84
C THR A 577 -19.13 -9.83 -11.11
N LEU A 578 -20.38 -10.04 -10.73
CA LEU A 578 -20.75 -11.34 -10.17
C LEU A 578 -20.48 -12.46 -11.17
N SER A 579 -20.73 -12.21 -12.46
CA SER A 579 -20.43 -13.23 -13.48
C SER A 579 -18.96 -13.62 -13.43
N GLU A 580 -18.06 -12.63 -13.42
CA GLU A 580 -16.64 -12.96 -13.35
C GLU A 580 -16.28 -13.61 -12.03
N LEU A 581 -16.88 -13.16 -10.93
CA LEU A 581 -16.61 -13.79 -9.64
C LEU A 581 -16.97 -15.28 -9.67
N LYS A 582 -18.12 -15.62 -10.26
CA LYS A 582 -18.52 -17.01 -10.37
C LYS A 582 -17.57 -17.80 -11.27
N ARG A 583 -17.14 -17.21 -12.39
CA ARG A 583 -16.15 -17.87 -13.23
C ARG A 583 -14.87 -18.19 -12.45
N LEU A 584 -14.37 -17.18 -11.72
CA LEU A 584 -13.15 -17.36 -10.93
C LEU A 584 -13.38 -18.36 -9.80
N PHE A 585 -14.60 -18.40 -9.25
CA PHE A 585 -14.90 -19.38 -8.21
C PHE A 585 -14.81 -20.81 -8.78
N ASN A 586 -15.30 -21.02 -9.98
CA ASN A 586 -15.20 -22.34 -10.59
C ASN A 586 -13.74 -22.73 -10.84
N LEU A 587 -12.92 -21.76 -11.24
CA LEU A 587 -11.48 -22.06 -11.35
C LEU A 587 -10.88 -22.40 -9.99
N HIS A 588 -11.33 -21.71 -8.94
CA HIS A 588 -10.88 -22.03 -7.59
C HIS A 588 -11.26 -23.45 -7.21
N LEU A 589 -12.49 -23.85 -7.51
CA LEU A 589 -12.93 -25.20 -7.18
C LEU A 589 -12.03 -26.24 -7.83
N ALA A 590 -11.58 -25.98 -9.08
CA ALA A 590 -10.74 -26.95 -9.75
C ALA A 590 -9.44 -27.22 -8.99
N SER A 591 -9.01 -26.30 -8.14
CA SER A 591 -7.78 -26.49 -7.39
C SER A 591 -7.98 -27.26 -6.09
N LEU A 592 -9.24 -27.47 -5.64
CA LEU A 592 -9.52 -28.01 -4.30
C LEU A 592 -9.65 -29.54 -4.35
N PRO A 593 -9.27 -30.17 -3.22
CA PRO A 593 -9.32 -31.64 -3.18
C PRO A 593 -10.75 -32.15 -3.07
N PRO A 594 -11.03 -33.34 -3.62
CA PRO A 594 -12.37 -33.93 -3.44
C PRO A 594 -12.73 -34.07 -1.98
N GLY A 595 -14.00 -33.80 -1.68
CA GLY A 595 -14.49 -33.80 -0.32
C GLY A 595 -14.53 -32.43 0.31
N HIS A 596 -13.98 -31.42 -0.38
CA HIS A 596 -13.97 -30.08 0.13
C HIS A 596 -15.39 -29.56 0.31
N THR A 597 -15.59 -28.73 1.33
CA THR A 597 -16.92 -28.25 1.63
C THR A 597 -17.46 -27.32 0.54
N LEU A 598 -16.59 -26.70 -0.27
CA LEU A 598 -17.08 -25.73 -1.25
C LEU A 598 -17.69 -26.40 -2.47
N PHE A 599 -17.66 -27.73 -2.58
CA PHE A 599 -18.28 -28.40 -3.71
C PHE A 599 -19.80 -28.50 -3.60
N SER A 600 -20.37 -28.24 -2.44
CA SER A 600 -21.83 -28.33 -2.30
C SER A 600 -22.41 -27.20 -1.47
N GLY A 601 -23.59 -26.75 -1.88
CA GLY A 601 -24.36 -25.83 -1.09
C GLY A 601 -23.84 -24.40 -1.07
N ILE A 602 -23.24 -23.93 -2.17
CA ILE A 602 -22.78 -22.54 -2.27
C ILE A 602 -23.68 -21.75 -3.22
N SER A 603 -24.45 -20.83 -2.66
CA SER A 603 -25.34 -19.99 -3.45
C SER A 603 -24.67 -18.68 -3.88
N ASP A 604 -25.21 -18.08 -4.95
CA ASP A 604 -24.76 -16.74 -5.36
C ASP A 604 -24.96 -15.75 -4.22
N ARG A 605 -26.05 -15.90 -3.45
CA ARG A 605 -26.29 -15.06 -2.29
C ARG A 605 -25.13 -15.11 -1.28
N MSE A 606 -24.64 -16.31 -1.00
CA MSE A 606 -23.50 -16.49 -0.06
C MSE A 606 -22.27 -15.81 -0.63
O MSE A 606 -21.56 -15.20 0.10
CB MSE A 606 -23.17 -17.96 0.17
CG MSE A 606 -24.07 -18.57 1.09
SE MSE A 606 -23.64 -20.51 1.07
CE MSE A 606 -24.58 -20.92 2.73
H MSE A 606 -24.97 -17.09 -1.34
HA MSE A 606 -23.73 -16.06 0.80
HB2 MSE A 606 -23.20 -18.42 -0.65
HB3 MSE A 606 -22.28 -18.03 0.52
HG2 MSE A 606 -23.95 -18.20 1.99
HG3 MSE A 606 -25.00 -18.44 0.80
HE1 MSE A 606 -24.97 -21.80 2.66
HE2 MSE A 606 -23.94 -20.90 3.46
HE3 MSE A 606 -25.27 -20.26 2.87
N LEU A 607 -22.04 -15.94 -1.92
CA LEU A 607 -20.91 -15.24 -2.51
C LEU A 607 -21.04 -13.72 -2.34
N GLN A 608 -22.22 -13.18 -2.67
CA GLN A 608 -22.40 -11.74 -2.53
C GLN A 608 -22.25 -11.32 -1.08
N ASP A 609 -22.81 -12.11 -0.14
CA ASP A 609 -22.69 -11.70 1.26
C ASP A 609 -21.23 -11.74 1.69
N THR A 610 -20.46 -12.69 1.15
CA THR A 610 -19.03 -12.73 1.49
C THR A 610 -18.31 -11.47 1.00
N VAL A 611 -18.61 -11.06 -0.23
CA VAL A 611 -18.04 -9.84 -0.78
C VAL A 611 -18.33 -8.66 0.15
N LEU A 612 -19.59 -8.53 0.58
CA LEU A 612 -19.91 -7.37 1.40
C LEU A 612 -19.32 -7.52 2.79
N ALA A 613 -19.11 -8.75 3.23
CA ALA A 613 -18.51 -8.97 4.54
C ALA A 613 -17.02 -8.67 4.53
N ALA A 614 -16.40 -8.63 3.32
CA ALA A 614 -14.97 -8.46 3.18
C ALA A 614 -14.57 -7.07 2.69
N GLY A 615 -15.33 -6.05 3.11
CA GLY A 615 -14.93 -4.68 2.81
C GLY A 615 -15.04 -4.31 1.35
N CYS A 616 -15.91 -4.98 0.62
CA CYS A 616 -16.21 -4.60 -0.74
C CYS A 616 -17.63 -4.04 -0.79
N LYS A 617 -17.92 -3.30 -1.86
CA LYS A 617 -19.21 -2.69 -2.05
C LYS A 617 -19.76 -3.01 -3.43
N GLN A 618 -21.08 -3.12 -3.53
CA GLN A 618 -21.71 -3.16 -4.85
C GLN A 618 -21.76 -1.75 -5.42
N ILE A 619 -21.33 -1.60 -6.66
CA ILE A 619 -21.35 -0.32 -7.36
C ILE A 619 -22.53 -0.36 -8.32
N LEU A 620 -23.51 0.52 -8.10
CA LEU A 620 -24.74 0.52 -8.90
C LEU A 620 -24.53 1.23 -10.25
N VAL A 621 -23.75 0.59 -11.10
CA VAL A 621 -23.43 1.14 -12.41
C VAL A 621 -24.70 1.17 -13.26
N PRO A 622 -25.07 2.30 -13.85
CA PRO A 622 -26.28 2.31 -14.69
C PRO A 622 -26.01 1.82 -16.11
N PHE A 623 -26.36 0.57 -16.39
CA PHE A 623 -26.13 0.03 -17.72
C PHE A 623 -27.12 0.64 -18.71
N PRO A 624 -26.70 0.76 -19.97
CA PRO A 624 -27.58 1.36 -20.97
C PRO A 624 -28.84 0.53 -21.16
N PRO A 625 -29.92 1.17 -21.62
CA PRO A 625 -31.19 0.46 -21.78
C PRO A 625 -31.13 -0.74 -22.70
N GLN A 626 -30.37 -0.66 -23.78
CA GLN A 626 -30.30 -1.73 -24.77
C GLN A 626 -29.20 -2.74 -24.51
N THR A 627 -28.60 -2.74 -23.32
CA THR A 627 -27.54 -3.68 -23.05
C THR A 627 -28.05 -5.12 -23.18
N ALA A 628 -27.16 -6.01 -23.63
CA ALA A 628 -27.42 -7.46 -23.64
C ALA A 628 -26.81 -8.14 -22.42
N ALA A 629 -26.17 -7.37 -21.54
CA ALA A 629 -25.55 -7.95 -20.36
C ALA A 629 -26.58 -8.65 -19.47
N SER A 630 -26.19 -9.83 -18.97
CA SER A 630 -27.05 -10.58 -18.08
C SER A 630 -27.15 -9.93 -16.72
N PRO A 631 -28.10 -10.36 -15.89
CA PRO A 631 -28.16 -9.82 -14.52
C PRO A 631 -26.84 -9.98 -13.78
N ASP A 632 -26.21 -11.17 -13.88
CA ASP A 632 -24.95 -11.35 -13.17
C ASP A 632 -23.86 -10.47 -13.75
N GLU A 633 -23.92 -10.19 -15.06
CA GLU A 633 -22.94 -9.34 -15.71
C GLU A 633 -23.16 -7.87 -15.36
N GLN A 634 -24.33 -7.51 -14.84
CA GLN A 634 -24.62 -6.14 -14.44
C GLN A 634 -24.38 -5.88 -12.97
N LYS A 635 -24.13 -6.90 -12.19
CA LYS A 635 -23.88 -6.72 -10.76
C LYS A 635 -22.37 -6.54 -10.58
N VAL A 636 -21.96 -5.34 -10.17
CA VAL A 636 -20.56 -4.96 -10.11
C VAL A 636 -20.15 -4.77 -8.66
N PHE A 637 -19.04 -5.36 -8.27
CA PHE A 637 -18.46 -5.21 -6.94
C PHE A 637 -17.06 -4.62 -7.01
N ALA A 638 -16.68 -3.95 -5.93
CA ALA A 638 -15.37 -3.31 -5.90
C ALA A 638 -14.78 -3.31 -4.51
N LEU A 639 -13.47 -3.50 -4.46
CA LEU A 639 -12.71 -3.30 -3.24
C LEU A 639 -12.84 -1.86 -2.77
N TRP A 640 -13.23 -1.70 -1.51
CA TRP A 640 -13.49 -0.38 -0.95
C TRP A 640 -12.33 0.06 -0.07
N GLU A 641 -12.01 -0.75 0.94
CA GLU A 641 -10.87 -0.50 1.83
C GLU A 641 -9.93 -1.69 1.74
N SER A 642 -8.64 -1.39 1.50
CA SER A 642 -7.70 -2.42 1.12
C SER A 642 -7.13 -3.14 2.34
N GLY A 643 -7.23 -2.54 3.53
CA GLY A 643 -6.84 -3.24 4.73
C GLY A 643 -5.35 -3.43 4.90
N ASP A 644 -4.54 -2.68 4.15
CA ASP A 644 -3.10 -2.79 4.26
C ASP A 644 -2.64 -2.14 5.56
N MSE A 645 -2.21 -2.94 6.53
CA MSE A 645 -1.85 -2.41 7.83
C MSE A 645 -0.34 -2.29 7.94
O MSE A 645 0.21 -2.35 9.05
CB MSE A 645 -2.40 -3.28 8.96
CG MSE A 645 -3.92 -3.33 8.99
SE MSE A 645 -4.74 -1.88 10.02
CE MSE A 645 -5.23 -0.68 8.56
H MSE A 645 -2.11 -3.79 6.46
HA MSE A 645 -2.24 -1.53 7.94
HB2 MSE A 645 -2.08 -4.19 8.84
HB3 MSE A 645 -2.10 -2.92 9.80
HG2 MSE A 645 -4.26 -3.26 8.09
HG3 MSE A 645 -4.20 -4.17 9.39
HE1 MSE A 645 -5.89 -1.12 8.00
HE2 MSE A 645 -5.60 0.14 8.92
HE3 MSE A 645 -4.44 -0.48 8.03
N SER A 646 0.36 -2.20 6.79
CA SER A 646 1.81 -2.22 6.83
C SER A 646 2.36 -1.05 7.65
N ASP A 647 1.71 0.11 7.61
CA ASP A 647 2.18 1.22 8.46
C ASP A 647 2.18 0.81 9.94
N GLN A 648 1.08 0.20 10.39
CA GLN A 648 0.94 -0.14 11.80
C GLN A 648 1.97 -1.19 12.23
N HIS A 649 2.22 -2.17 11.37
CA HIS A 649 3.26 -3.15 11.70
C HIS A 649 4.61 -2.48 11.85
N ARG A 650 4.93 -1.55 10.93
CA ARG A 650 6.22 -0.87 11.01
C ARG A 650 6.29 -0.06 12.29
N GLN A 651 5.18 0.57 12.68
CA GLN A 651 5.22 1.37 13.91
C GLN A 651 5.50 0.50 15.13
N VAL A 652 4.91 -0.70 15.18
CA VAL A 652 5.19 -1.62 16.29
C VAL A 652 6.67 -2.03 16.30
N LEU A 653 7.22 -2.32 15.13
CA LEU A 653 8.63 -2.71 15.07
C LEU A 653 9.53 -1.56 15.54
N LEU A 654 9.23 -0.35 15.04
CA LEU A 654 10.05 0.79 15.44
C LEU A 654 10.00 0.97 16.96
N GLU A 655 8.85 0.69 17.56
CA GLU A 655 8.78 0.83 19.01
C GLU A 655 9.72 -0.14 19.71
N ILE A 656 9.88 -1.34 19.15
CA ILE A 656 10.88 -2.28 19.68
C ILE A 656 12.26 -1.65 19.70
N PHE A 657 12.65 -1.03 18.61
CA PHE A 657 14.00 -0.50 18.52
C PHE A 657 14.19 0.83 19.25
N SER A 658 13.12 1.39 19.82
N SER A 658 13.12 1.39 19.82
CA SER A 658 13.29 2.50 20.76
CA SER A 658 13.27 2.50 20.75
C SER A 658 13.92 2.05 22.07
C SER A 658 13.77 2.06 22.12
N LYS A 659 13.87 0.75 22.36
CA LYS A 659 14.35 0.21 23.64
C LYS A 659 15.38 -0.87 23.47
N ASN A 660 15.72 -1.23 22.23
CA ASN A 660 16.62 -2.34 21.95
C ASN A 660 17.48 -1.99 20.75
N TYR A 661 18.74 -2.37 20.80
CA TYR A 661 19.61 -2.21 19.63
C TYR A 661 19.45 -3.36 18.64
N ARG A 662 19.34 -4.58 19.15
CA ARG A 662 19.20 -5.76 18.30
C ARG A 662 18.34 -6.77 19.05
N VAL A 663 17.57 -7.57 18.28
CA VAL A 663 16.66 -8.55 18.84
C VAL A 663 16.59 -9.78 17.93
N ARG A 664 16.10 -10.88 18.49
CA ARG A 664 15.79 -12.07 17.70
C ARG A 664 14.51 -11.90 16.88
N ARG A 665 14.44 -12.62 15.76
CA ARG A 665 13.25 -12.54 14.91
CA ARG A 665 13.26 -12.54 14.92
C ARG A 665 12.00 -12.87 15.72
N ASN A 666 12.10 -13.87 16.59
CA ASN A 666 10.94 -14.32 17.33
C ASN A 666 10.38 -13.21 18.23
N MSE A 667 11.27 -12.38 18.78
CA MSE A 667 10.84 -11.30 19.63
C MSE A 667 9.96 -10.36 18.79
O MSE A 667 8.83 -10.01 19.16
CB MSE A 667 12.02 -10.53 20.21
CG MSE A 667 11.71 -9.85 21.52
SE MSE A 667 10.77 -8.13 21.19
CE MSE A 667 11.82 -7.36 19.97
H MSE A 667 12.12 -12.43 18.67
HA MSE A 667 10.34 -11.64 20.40
HB2 MSE A 667 12.74 -11.16 20.37
HB3 MSE A 667 12.29 -9.85 19.58
HG2 MSE A 667 11.14 -10.41 22.06
HG3 MSE A 667 12.53 -9.66 22.00
HE1 MSE A 667 11.76 -7.84 19.14
HE2 MSE A 667 11.54 -6.43 19.84
HE3 MSE A 667 12.75 -7.38 20.29
N ILE A 668 10.43 -10.06 17.56
CA ILE A 668 9.65 -9.20 16.68
C ILE A 668 8.31 -9.86 16.32
N GLN A 669 8.34 -11.13 15.96
CA GLN A 669 7.12 -11.83 15.60
C GLN A 669 6.13 -11.80 16.77
N SER A 670 6.63 -12.07 17.98
CA SER A 670 5.75 -12.14 19.13
C SER A 670 5.15 -10.77 19.41
N ARG A 671 5.98 -9.71 19.33
CA ARG A 671 5.46 -8.38 19.62
C ARG A 671 4.37 -8.03 18.61
N LEU A 672 4.61 -8.37 17.33
CA LEU A 672 3.62 -8.04 16.32
C LEU A 672 2.34 -8.82 16.55
N THR A 673 2.46 -10.09 16.92
CA THR A 673 1.29 -10.93 17.13
C THR A 673 0.47 -10.41 18.29
N GLN A 674 1.17 -10.03 19.35
CA GLN A 674 0.48 -9.58 20.54
C GLN A 674 -0.24 -8.27 20.26
N GLU A 675 0.39 -7.40 19.46
CA GLU A 675 -0.17 -6.06 19.32
C GLU A 675 -1.23 -6.01 18.22
N CME A 676 -1.16 -6.86 17.22
CA CME A 676 -1.73 -6.56 15.88
CB CME A 676 -0.70 -6.34 14.79
SG CME A 676 0.08 -4.72 14.92
SD CME A 676 -1.44 -3.46 14.46
CE CME A 676 -1.99 -2.83 16.07
CZ CME A 676 -1.29 -1.55 16.42
OH CME A 676 -1.51 -1.15 17.73
C CME A 676 -2.65 -7.73 15.56
O CME A 676 -3.63 -7.52 14.82
H CME A 676 -1.09 -7.76 17.33
HB2 CME A 676 -1.14 -6.42 13.91
HB3 CME A 676 -0.01 -7.05 14.87
HE2 CME A 676 -1.81 -3.50 16.77
HE3 CME A 676 -2.96 -2.67 16.04
HZ2 CME A 676 -1.60 -0.83 15.81
HZ3 CME A 676 -0.33 -1.66 16.27
HH CME A 676 -1.07 -0.44 17.88
N GLY A 677 -2.35 -8.92 16.06
CA GLY A 677 -3.28 -10.03 15.95
C GLY A 677 -2.59 -11.33 15.68
N GLU A 678 -3.18 -12.41 16.21
CA GLU A 678 -2.58 -13.73 16.09
C GLU A 678 -2.64 -14.26 14.67
N ASP A 679 -3.42 -13.63 13.80
CA ASP A 679 -3.50 -14.04 12.39
C ASP A 679 -2.48 -13.33 11.51
N LEU A 680 -1.53 -12.62 12.12
CA LEU A 680 -0.48 -12.00 11.35
C LEU A 680 0.27 -13.02 10.50
N SER A 681 0.47 -12.70 9.23
CA SER A 681 1.03 -13.62 8.26
C SER A 681 2.55 -13.55 8.19
N LYS A 682 3.15 -14.67 7.78
CA LYS A 682 4.58 -14.68 7.49
C LYS A 682 4.94 -13.60 6.48
N GLN A 683 4.11 -13.39 5.48
CA GLN A 683 4.39 -12.38 4.47
C GLN A 683 4.41 -10.99 5.08
N GLU A 684 3.48 -10.70 6.02
CA GLU A 684 3.48 -9.38 6.66
C GLU A 684 4.73 -9.15 7.52
N VAL A 685 5.14 -10.16 8.28
CA VAL A 685 6.35 -10.03 9.08
C VAL A 685 7.57 -9.89 8.19
N ASP A 686 7.65 -10.75 7.15
CA ASP A 686 8.76 -10.69 6.23
C ASP A 686 8.87 -9.30 5.62
N LYS A 687 7.72 -8.68 5.30
N LYS A 687 7.73 -8.68 5.31
CA LYS A 687 7.73 -7.36 4.67
CA LYS A 687 7.75 -7.37 4.66
C LYS A 687 8.30 -6.32 5.62
C LYS A 687 8.29 -6.30 5.61
N VAL A 688 7.83 -6.31 6.86
CA VAL A 688 8.29 -5.28 7.78
C VAL A 688 9.78 -5.45 8.06
N LEU A 689 10.26 -6.70 8.11
CA LEU A 689 11.68 -6.94 8.29
C LEU A 689 12.50 -6.48 7.08
N LYS A 690 11.99 -6.74 5.88
CA LYS A 690 12.70 -6.33 4.68
C LYS A 690 12.76 -4.83 4.60
N ASP A 691 11.67 -4.15 4.98
CA ASP A 691 11.60 -2.70 4.84
C ASP A 691 12.49 -2.00 5.87
N CYS A 692 12.54 -2.54 7.10
CA CYS A 692 13.12 -1.79 8.21
C CYS A 692 14.44 -2.29 8.71
N CYS A 693 14.76 -3.56 8.51
CA CYS A 693 15.81 -4.21 9.28
C CYS A 693 16.85 -4.86 8.40
N VAL A 694 17.94 -5.24 9.07
CA VAL A 694 19.00 -6.06 8.51
C VAL A 694 19.36 -7.08 9.57
N SER A 695 19.69 -8.28 9.13
N SER A 695 19.69 -8.29 9.14
CA SER A 695 20.12 -9.36 9.99
CA SER A 695 20.09 -9.34 10.05
C SER A 695 21.64 -9.46 9.97
C SER A 695 21.59 -9.56 9.97
N TYR A 696 22.22 -9.75 11.12
CA TYR A 696 23.66 -9.97 11.21
C TYR A 696 23.89 -10.93 12.35
N GLY A 697 24.50 -12.08 12.08
CA GLY A 697 24.83 -12.99 13.15
C GLY A 697 23.63 -13.63 13.81
N GLY A 698 22.48 -13.63 13.17
CA GLY A 698 21.29 -14.17 13.78
C GLY A 698 20.49 -13.17 14.58
N MSE A 699 20.92 -11.92 14.64
CA MSE A 699 20.16 -10.88 15.29
C MSE A 699 19.70 -9.86 14.28
O MSE A 699 20.32 -9.69 13.21
CB MSE A 699 21.03 -10.18 16.33
CG MSE A 699 21.60 -11.13 17.33
SE MSE A 699 20.21 -11.63 18.60
CE MSE A 699 19.84 -9.87 19.38
H MSE A 699 21.66 -11.65 14.29
HA MSE A 699 19.40 -11.28 15.75
HB2 MSE A 699 21.76 -9.73 15.90
HB3 MSE A 699 20.48 -9.54 16.81
HG2 MSE A 699 21.91 -11.93 16.88
HG3 MSE A 699 22.33 -10.71 17.80
HE1 MSE A 699 19.34 -9.34 18.75
HE2 MSE A 699 19.34 -10.00 20.20
HE3 MSE A 699 20.69 -9.44 19.58
N TRP A 700 18.62 -9.14 14.63
CA TRP A 700 18.01 -8.16 13.74
C TRP A 700 18.23 -6.77 14.30
N TYR A 701 18.67 -5.88 13.41
CA TYR A 701 18.97 -4.48 13.68
C TYR A 701 18.13 -3.60 12.76
N LEU A 702 17.96 -2.32 13.13
CA LEU A 702 17.45 -1.38 12.10
C LEU A 702 18.51 -1.18 11.03
N LYS A 703 18.04 -0.99 9.78
CA LYS A 703 18.93 -0.71 8.66
C LYS A 703 19.93 0.39 8.97
N GLY A 704 21.20 0.14 8.60
CA GLY A 704 22.23 1.14 8.73
C GLY A 704 22.85 1.24 10.09
N THR A 705 22.41 0.42 11.06
CA THR A 705 22.92 0.55 12.41
C THR A 705 23.94 -0.53 12.77
N VAL A 706 24.21 -1.49 11.87
CA VAL A 706 25.26 -2.48 12.10
C VAL A 706 26.61 -1.91 11.71
N GLN A 707 27.59 -2.12 12.57
CA GLN A 707 28.96 -1.64 12.41
C GLN A 707 29.90 -2.81 12.18
N SER A 708 29.74 -3.56 11.11
CA SER A 708 30.66 -4.66 10.84
C SER A 708 31.95 -4.21 10.14
N ALA B 554 18.55 29.70 -5.65
CA ALA B 554 18.13 29.07 -6.90
C ALA B 554 16.68 29.33 -7.26
N PRO B 555 16.19 28.66 -8.31
CA PRO B 555 14.86 29.01 -8.84
C PRO B 555 13.69 28.63 -7.95
N THR B 556 13.88 27.71 -7.01
CA THR B 556 12.79 27.15 -6.22
C THR B 556 13.11 27.22 -4.73
N PRO B 557 12.09 27.12 -3.88
CA PRO B 557 12.33 27.29 -2.44
C PRO B 557 13.10 26.13 -1.84
N VAL B 558 14.02 26.44 -0.93
CA VAL B 558 14.95 25.43 -0.43
C VAL B 558 14.20 24.34 0.33
N ALA B 559 13.47 24.71 1.38
CA ALA B 559 12.82 23.70 2.21
C ALA B 559 11.82 22.87 1.39
N ARG B 560 11.05 23.51 0.50
CA ARG B 560 10.09 22.76 -0.31
C ARG B 560 10.78 21.68 -1.14
N GLU B 561 11.89 22.03 -1.78
CA GLU B 561 12.64 21.07 -2.60
C GLU B 561 13.23 19.96 -1.74
N LEU B 562 13.77 20.33 -0.58
CA LEU B 562 14.38 19.37 0.31
C LEU B 562 13.33 18.42 0.83
N LYS B 563 12.15 18.94 1.14
CA LYS B 563 11.08 18.11 1.65
C LYS B 563 10.68 17.08 0.61
N ALA B 564 10.58 17.50 -0.65
CA ALA B 564 10.23 16.54 -1.70
C ALA B 564 11.27 15.41 -1.77
N PHE B 565 12.55 15.79 -1.70
CA PHE B 565 13.59 14.78 -1.74
C PHE B 565 13.50 13.83 -0.56
N VAL B 566 13.29 14.38 0.64
CA VAL B 566 13.26 13.56 1.85
C VAL B 566 12.08 12.61 1.79
N GLU B 567 10.92 13.11 1.35
CA GLU B 567 9.73 12.28 1.29
C GLU B 567 9.96 11.11 0.33
N ALA B 568 10.47 11.39 -0.87
CA ALA B 568 10.69 10.31 -1.83
C ALA B 568 11.68 9.31 -1.28
N THR B 569 12.74 9.81 -0.62
CA THR B 569 13.79 8.93 -0.12
C THR B 569 13.26 8.03 0.96
N PHE B 570 12.52 8.57 1.93
CA PHE B 570 12.04 7.71 3.02
C PHE B 570 10.92 6.79 2.58
N GLN B 571 10.12 7.19 1.57
CA GLN B 571 9.11 6.27 1.06
C GLN B 571 9.76 5.05 0.40
N ARG B 572 10.97 5.23 -0.16
CA ARG B 572 11.69 4.12 -0.77
CA ARG B 572 11.67 4.11 -0.76
C ARG B 572 12.48 3.29 0.25
N GLN B 573 13.11 3.95 1.22
CA GLN B 573 14.06 3.28 2.10
C GLN B 573 13.55 2.95 3.50
N PHE B 574 12.53 3.63 3.98
CA PHE B 574 11.83 3.41 5.25
C PHE B 574 12.62 3.82 6.49
N VAL B 575 13.87 3.38 6.60
CA VAL B 575 14.69 3.62 7.78
C VAL B 575 16.07 4.05 7.31
N LEU B 576 16.54 5.20 7.81
CA LEU B 576 17.85 5.72 7.43
C LEU B 576 18.54 6.40 8.62
N THR B 577 19.85 6.19 8.74
CA THR B 577 20.63 7.05 9.60
C THR B 577 20.87 8.39 8.90
N LEU B 578 21.21 9.39 9.72
CA LEU B 578 21.56 10.68 9.14
C LEU B 578 22.74 10.53 8.19
N SER B 579 23.72 9.69 8.56
CA SER B 579 24.86 9.46 7.69
C SER B 579 24.42 8.98 6.31
N GLU B 580 23.52 8.00 6.29
CA GLU B 580 23.05 7.45 5.02
C GLU B 580 22.21 8.47 4.26
N LEU B 581 21.37 9.21 4.97
CA LEU B 581 20.59 10.24 4.31
C LEU B 581 21.51 11.27 3.65
N LYS B 582 22.57 11.67 4.32
CA LYS B 582 23.51 12.62 3.73
C LYS B 582 24.19 12.02 2.49
N ARG B 583 24.57 10.74 2.56
CA ARG B 583 25.14 10.07 1.38
C ARG B 583 24.17 10.09 0.19
N LEU B 584 22.90 9.74 0.45
CA LEU B 584 21.87 9.75 -0.59
C LEU B 584 21.62 11.17 -1.10
N PHE B 585 21.68 12.16 -0.22
CA PHE B 585 21.51 13.54 -0.68
C PHE B 585 22.62 13.93 -1.65
N ASN B 586 23.87 13.57 -1.33
CA ASN B 586 24.98 13.91 -2.22
C ASN B 586 24.85 13.20 -3.57
N LEU B 587 24.35 11.96 -3.57
CA LEU B 587 24.05 11.30 -4.83
C LEU B 587 22.98 12.07 -5.61
N HIS B 588 21.99 12.58 -4.91
CA HIS B 588 20.96 13.35 -5.57
C HIS B 588 21.53 14.62 -6.19
N LEU B 589 22.39 15.32 -5.46
CA LEU B 589 22.96 16.56 -5.98
C LEU B 589 23.73 16.27 -7.27
N ALA B 590 24.39 15.12 -7.34
CA ALA B 590 25.16 14.82 -8.54
C ALA B 590 24.29 14.78 -9.78
N SER B 591 22.98 14.53 -9.63
CA SER B 591 22.09 14.46 -10.78
C SER B 591 21.53 15.82 -11.19
N LEU B 592 21.70 16.87 -10.35
CA LEU B 592 20.97 18.12 -10.56
C LEU B 592 21.81 19.10 -11.37
N PRO B 593 21.14 19.98 -12.11
CA PRO B 593 21.87 20.96 -12.92
C PRO B 593 22.50 22.05 -12.08
N PRO B 594 23.70 22.52 -12.47
CA PRO B 594 24.28 23.70 -11.81
C PRO B 594 23.29 24.85 -11.72
N GLY B 595 23.29 25.49 -10.57
CA GLY B 595 22.36 26.55 -10.26
C GLY B 595 21.12 26.11 -9.52
N HIS B 596 20.92 24.81 -9.34
CA HIS B 596 19.78 24.31 -8.58
C HIS B 596 19.85 24.82 -7.14
N THR B 597 18.68 25.08 -6.55
CA THR B 597 18.66 25.63 -5.21
C THR B 597 19.32 24.69 -4.20
N LEU B 598 19.32 23.39 -4.44
CA LEU B 598 19.81 22.48 -3.41
C LEU B 598 21.32 22.45 -3.31
N PHE B 599 22.03 23.19 -4.19
CA PHE B 599 23.45 23.45 -4.00
C PHE B 599 23.69 24.54 -2.96
N SER B 600 22.62 25.19 -2.47
CA SER B 600 22.74 26.09 -1.34
C SER B 600 23.24 25.32 -0.12
N GLY B 601 23.90 26.03 0.79
CA GLY B 601 24.24 25.40 2.05
C GLY B 601 23.00 24.85 2.74
N ILE B 602 22.98 23.55 2.99
CA ILE B 602 21.92 22.91 3.77
C ILE B 602 22.59 22.34 5.01
N SER B 603 22.30 22.89 6.18
CA SER B 603 22.92 22.39 7.39
C SER B 603 22.35 21.02 7.72
N ASP B 604 23.12 20.22 8.47
CA ASP B 604 22.59 18.96 8.94
C ASP B 604 21.34 19.18 9.78
N ARG B 605 21.33 20.24 10.59
CA ARG B 605 20.15 20.52 11.39
C ARG B 605 18.94 20.77 10.50
N MSE B 606 19.09 21.58 9.44
CA MSE B 606 17.95 21.84 8.55
C MSE B 606 17.53 20.49 7.92
O MSE B 606 16.35 20.21 7.78
CB MSE B 606 18.22 22.86 7.46
CG MSE B 606 16.91 23.60 7.03
SE MSE B 606 17.36 24.64 5.48
CE MSE B 606 15.66 24.44 4.56
H MSE B 606 19.84 21.97 9.22
HA MSE B 606 17.25 22.25 9.07
HB2 MSE B 606 18.85 23.53 7.80
HB3 MSE B 606 18.61 22.42 6.69
HG2 MSE B 606 16.22 22.95 6.80
HG3 MSE B 606 16.60 24.19 7.73
HE1 MSE B 606 14.94 24.74 5.14
HE2 MSE B 606 15.67 24.97 3.74
HE3 MSE B 606 15.53 23.50 4.33
N LEU B 607 18.50 19.65 7.56
CA LEU B 607 18.13 18.37 6.96
C LEU B 607 17.29 17.56 7.94
N GLN B 608 17.75 17.49 9.18
CA GLN B 608 16.99 16.75 10.18
C GLN B 608 15.65 17.40 10.40
N ASP B 609 15.62 18.74 10.49
CA ASP B 609 14.36 19.42 10.76
C ASP B 609 13.37 19.10 9.65
N THR B 610 13.87 18.98 8.41
CA THR B 610 12.97 18.73 7.28
C THR B 610 12.42 17.30 7.37
N VAL B 611 13.28 16.34 7.76
CA VAL B 611 12.81 14.97 7.93
C VAL B 611 11.71 14.93 8.97
N LEU B 612 11.93 15.63 10.10
CA LEU B 612 10.98 15.57 11.20
C LEU B 612 9.70 16.30 10.83
N ALA B 613 9.82 17.38 10.02
CA ALA B 613 8.65 18.17 9.67
C ALA B 613 7.78 17.44 8.67
N ALA B 614 8.36 16.50 7.93
CA ALA B 614 7.66 15.70 6.94
C ALA B 614 6.93 14.53 7.55
N GLY B 615 6.98 14.36 8.87
CA GLY B 615 6.28 13.29 9.52
C GLY B 615 7.11 12.05 9.79
N CYS B 616 8.33 11.97 9.28
CA CYS B 616 9.23 10.92 9.73
C CYS B 616 9.57 11.16 11.19
N LYS B 617 9.95 10.09 11.88
CA LYS B 617 10.21 10.15 13.31
C LYS B 617 11.66 9.80 13.61
N GLN B 618 12.20 10.41 14.66
CA GLN B 618 13.50 10.00 15.16
C GLN B 618 13.30 8.77 16.03
N ILE B 619 14.15 7.75 15.83
CA ILE B 619 14.11 6.51 16.60
C ILE B 619 15.31 6.54 17.53
N LEU B 620 15.05 6.55 18.84
CA LEU B 620 16.12 6.64 19.83
C LEU B 620 16.71 5.26 20.09
N VAL B 621 17.34 4.70 19.07
CA VAL B 621 17.93 3.36 19.19
C VAL B 621 19.05 3.43 20.22
N PRO B 622 19.09 2.53 21.20
CA PRO B 622 20.17 2.59 22.21
C PRO B 622 21.44 1.93 21.70
N PHE B 623 22.39 2.71 21.18
CA PHE B 623 23.61 2.11 20.71
C PHE B 623 24.44 1.62 21.89
N PRO B 624 25.20 0.52 21.68
CA PRO B 624 26.00 -0.02 22.79
C PRO B 624 27.08 0.97 23.21
N PRO B 625 27.50 0.89 24.48
CA PRO B 625 28.49 1.86 24.99
C PRO B 625 29.78 1.92 24.18
N GLN B 626 30.28 0.77 23.72
CA GLN B 626 31.54 0.72 22.99
C GLN B 626 31.40 0.84 21.47
N THR B 627 30.24 1.26 20.97
CA THR B 627 30.10 1.41 19.52
C THR B 627 31.18 2.34 18.96
N ALA B 628 31.62 2.04 17.74
CA ALA B 628 32.48 2.93 16.97
C ALA B 628 31.69 3.75 15.94
N ALA B 629 30.35 3.66 15.96
CA ALA B 629 29.53 4.45 15.06
C ALA B 629 29.73 5.94 15.31
N SER B 630 29.81 6.70 14.22
CA SER B 630 29.95 8.13 14.34
C SER B 630 28.64 8.72 14.87
N PRO B 631 28.66 9.97 15.32
CA PRO B 631 27.40 10.63 15.72
C PRO B 631 26.32 10.58 14.64
N ASP B 632 26.66 10.88 13.39
CA ASP B 632 25.65 10.85 12.33
C ASP B 632 25.15 9.44 12.07
N GLU B 633 26.00 8.44 12.30
CA GLU B 633 25.60 7.05 12.16
C GLU B 633 24.71 6.58 13.29
N GLN B 634 24.59 7.35 14.37
CA GLN B 634 23.73 7.00 15.50
C GLN B 634 22.39 7.74 15.52
N LYS B 635 22.16 8.63 14.57
CA LYS B 635 20.91 9.37 14.48
C LYS B 635 20.05 8.66 13.44
N VAL B 636 18.94 8.06 13.90
CA VAL B 636 18.14 7.15 13.08
C VAL B 636 16.75 7.76 12.91
N PHE B 637 16.24 7.68 11.69
CA PHE B 637 14.95 8.24 11.34
C PHE B 637 14.18 7.20 10.56
N ALA B 638 12.85 7.28 10.63
CA ALA B 638 12.04 6.29 9.96
C ALA B 638 10.71 6.88 9.50
N LEU B 639 10.27 6.36 8.36
CA LEU B 639 8.96 6.66 7.83
C LEU B 639 7.90 6.16 8.78
N TRP B 640 6.95 7.01 9.12
CA TRP B 640 5.87 6.62 10.00
C TRP B 640 4.63 6.20 9.25
N GLU B 641 4.27 6.94 8.21
CA GLU B 641 3.12 6.63 7.37
C GLU B 641 3.50 6.72 5.90
N SER B 642 3.11 5.69 5.15
CA SER B 642 3.33 5.63 3.71
C SER B 642 2.78 6.84 2.96
N GLY B 643 1.63 7.35 3.37
CA GLY B 643 0.92 8.32 2.57
C GLY B 643 0.20 7.74 1.36
N ASP B 644 0.13 6.41 1.26
CA ASP B 644 -0.60 5.72 0.19
C ASP B 644 -2.08 6.05 0.24
N MSE B 645 -2.56 6.81 -0.75
CA MSE B 645 -3.97 7.22 -0.79
C MSE B 645 -4.76 6.41 -1.82
O MSE B 645 -5.70 6.93 -2.44
CB MSE B 645 -4.06 8.71 -1.13
CG MSE B 645 -3.44 9.62 -0.10
SE MSE B 645 -4.54 9.82 1.50
CE MSE B 645 -6.28 9.99 0.68
H MSE B 645 -2.10 7.09 -1.42
HA MSE B 645 -4.35 7.07 0.08
HB2 MSE B 645 -3.63 8.87 -1.98
HB3 MSE B 645 -5.00 8.95 -1.19
HG2 MSE B 645 -2.58 9.25 0.18
HG3 MSE B 645 -3.29 10.50 -0.49
HE1 MSE B 645 -6.50 9.17 0.23
HE2 MSE B 645 -6.95 10.18 1.37
HE3 MSE B 645 -6.26 10.73 0.05
N SER B 646 -4.37 5.15 -1.98
CA SER B 646 -4.98 4.32 -3.02
C SER B 646 -6.48 4.14 -2.79
N ASP B 647 -6.88 3.83 -1.56
CA ASP B 647 -8.29 3.60 -1.27
C ASP B 647 -9.13 4.83 -1.58
N GLN B 648 -8.67 6.01 -1.18
CA GLN B 648 -9.47 7.22 -1.38
C GLN B 648 -9.65 7.54 -2.86
N HIS B 649 -8.58 7.40 -3.64
CA HIS B 649 -8.68 7.66 -5.07
C HIS B 649 -9.65 6.70 -5.71
N ARG B 650 -9.55 5.42 -5.33
CA ARG B 650 -10.47 4.42 -5.87
C ARG B 650 -11.90 4.76 -5.52
N GLN B 651 -12.17 5.20 -4.29
CA GLN B 651 -13.54 5.52 -3.90
C GLN B 651 -14.09 6.70 -4.69
N VAL B 652 -13.25 7.68 -5.00
CA VAL B 652 -13.70 8.81 -5.85
C VAL B 652 -14.10 8.29 -7.23
N LEU B 653 -13.23 7.47 -7.82
CA LEU B 653 -13.54 6.95 -9.14
C LEU B 653 -14.81 6.10 -9.13
N LEU B 654 -14.95 5.26 -8.11
CA LEU B 654 -16.09 4.37 -8.04
C LEU B 654 -17.39 5.19 -7.93
N GLU B 655 -17.36 6.30 -7.21
CA GLU B 655 -18.56 7.13 -7.15
C GLU B 655 -18.92 7.70 -8.52
N ILE B 656 -17.91 7.99 -9.37
CA ILE B 656 -18.25 8.40 -10.75
C ILE B 656 -19.12 7.35 -11.41
N PHE B 657 -18.73 6.09 -11.28
CA PHE B 657 -19.46 5.04 -12.01
C PHE B 657 -20.77 4.61 -11.35
N SER B 658 -21.10 5.17 -10.20
N SER B 658 -21.11 5.19 -10.21
CA SER B 658 -22.45 5.02 -9.65
CA SER B 658 -22.44 5.04 -9.63
C SER B 658 -23.47 5.81 -10.45
C SER B 658 -23.47 5.92 -10.32
N LYS B 659 -23.03 6.82 -11.20
CA LYS B 659 -23.91 7.73 -11.92
C LYS B 659 -23.64 7.71 -13.42
N ASN B 660 -22.62 6.97 -13.87
CA ASN B 660 -22.21 6.95 -15.27
C ASN B 660 -21.79 5.54 -15.66
N TYR B 661 -22.15 5.11 -16.87
CA TYR B 661 -21.67 3.83 -17.39
C TYR B 661 -20.26 3.93 -17.96
N ARG B 662 -19.96 5.04 -18.63
CA ARG B 662 -18.67 5.24 -19.26
C ARG B 662 -18.39 6.73 -19.32
N VAL B 663 -17.12 7.10 -19.19
CA VAL B 663 -16.70 8.50 -19.17
C VAL B 663 -15.36 8.64 -19.88
N ARG B 664 -14.99 9.89 -20.19
CA ARG B 664 -13.66 10.18 -20.72
C ARG B 664 -12.62 10.20 -19.60
N ARG B 665 -11.39 9.86 -19.96
CA ARG B 665 -10.31 9.90 -18.97
C ARG B 665 -10.26 11.26 -18.29
N ASN B 666 -10.39 12.34 -19.07
CA ASN B 666 -10.30 13.68 -18.51
C ASN B 666 -11.35 13.89 -17.42
N MSE B 667 -12.54 13.34 -17.59
CA MSE B 667 -13.59 13.48 -16.58
C MSE B 667 -13.10 12.90 -15.25
O MSE B 667 -13.18 13.56 -14.20
CB MSE B 667 -14.88 12.82 -17.07
CG MSE B 667 -16.10 13.24 -16.30
SE MSE B 667 -16.29 12.06 -14.79
CE MSE B 667 -18.23 12.25 -14.57
H MSE B 667 -12.77 12.87 -18.27
HA MSE B 667 -13.81 14.42 -16.43
HB2 MSE B 667 -15.02 13.06 -18.01
HB3 MSE B 667 -14.79 11.86 -16.99
HG2 MSE B 667 -16.00 14.15 -15.98
HG3 MSE B 667 -16.88 13.17 -16.87
HE1 MSE B 667 -18.65 12.25 -15.44
HE2 MSE B 667 -18.56 11.49 -14.06
HE3 MSE B 667 -18.43 13.07 -14.10
N ILE B 668 -12.50 11.70 -15.32
CA ILE B 668 -12.01 11.05 -14.10
C ILE B 668 -10.92 11.88 -13.46
N GLN B 669 -9.99 12.40 -14.30
CA GLN B 669 -8.89 13.22 -13.78
C GLN B 669 -9.45 14.44 -13.08
N SER B 670 -10.39 15.13 -13.74
CA SER B 670 -10.90 16.35 -13.15
C SER B 670 -11.54 16.05 -11.82
N ARG B 671 -12.29 14.93 -11.76
CA ARG B 671 -13.00 14.62 -10.52
C ARG B 671 -11.99 14.33 -9.42
N LEU B 672 -10.93 13.60 -9.75
CA LEU B 672 -9.90 13.32 -8.75
C LEU B 672 -9.29 14.63 -8.27
N THR B 673 -8.98 15.53 -9.22
CA THR B 673 -8.36 16.80 -8.84
C THR B 673 -9.28 17.59 -7.93
N GLN B 674 -10.58 17.57 -8.22
CA GLN B 674 -11.52 18.34 -7.43
C GLN B 674 -11.66 17.74 -6.03
N GLU B 675 -11.59 16.43 -5.90
CA GLU B 675 -11.92 15.82 -4.61
C GLU B 675 -10.69 15.70 -3.73
N CME B 676 -9.62 15.16 -4.29
CA CME B 676 -8.30 15.09 -3.64
CB CME B 676 -7.62 13.92 -4.29
SG CME B 676 -8.71 12.48 -4.28
SD CME B 676 -8.60 11.86 -2.36
CE CME B 676 -9.84 12.85 -1.49
CZ CME B 676 -11.09 12.05 -1.22
OH CME B 676 -12.12 12.86 -0.73
C CME B 676 -7.52 16.41 -3.68
O CME B 676 -6.79 16.65 -2.67
H CME B 676 -9.67 14.50 -4.93
HB2 CME B 676 -6.79 13.72 -3.78
HB3 CME B 676 -7.38 14.16 -5.21
HE2 CME B 676 -10.07 13.64 -2.03
HE3 CME B 676 -9.47 13.17 -0.64
HZ2 CME B 676 -10.89 11.36 -0.56
HZ3 CME B 676 -11.37 11.62 -2.04
HH CME B 676 -12.79 12.37 -0.58
N GLY B 677 -7.35 17.03 -4.84
CA GLY B 677 -6.48 18.18 -5.00
C GLY B 677 -5.45 17.95 -6.11
N GLU B 678 -4.82 19.04 -6.55
CA GLU B 678 -3.91 18.97 -7.68
C GLU B 678 -2.66 18.15 -7.39
N ASP B 679 -2.47 17.71 -6.15
CA ASP B 679 -1.32 16.92 -5.73
C ASP B 679 -1.47 15.43 -6.05
N LEU B 680 -2.10 15.09 -7.17
CA LEU B 680 -2.15 13.70 -7.62
C LEU B 680 -1.18 13.52 -8.78
N SER B 681 -0.17 12.68 -8.56
CA SER B 681 0.77 12.35 -9.61
C SER B 681 0.07 11.59 -10.73
N LYS B 682 0.59 11.75 -11.95
CA LYS B 682 0.11 10.91 -13.03
C LYS B 682 0.22 9.45 -12.63
N GLN B 683 1.23 9.11 -11.82
CA GLN B 683 1.39 7.73 -11.40
C GLN B 683 0.19 7.25 -10.59
N GLU B 684 -0.33 8.09 -9.68
CA GLU B 684 -1.51 7.70 -8.93
C GLU B 684 -2.74 7.58 -9.82
N VAL B 685 -2.93 8.53 -10.75
CA VAL B 685 -4.09 8.48 -11.61
C VAL B 685 -4.04 7.24 -12.50
N ASP B 686 -2.87 7.00 -13.11
CA ASP B 686 -2.69 5.80 -13.91
C ASP B 686 -2.99 4.56 -13.09
N LYS B 687 -2.57 4.53 -11.82
N LYS B 687 -2.56 4.54 -11.82
CA LYS B 687 -2.80 3.35 -11.01
CA LYS B 687 -2.76 3.36 -10.98
C LYS B 687 -4.29 3.12 -10.75
C LYS B 687 -4.25 3.11 -10.75
N VAL B 688 -5.03 4.18 -10.42
N VAL B 688 -5.00 4.16 -10.41
CA VAL B 688 -6.45 4.01 -10.10
CA VAL B 688 -6.42 3.95 -10.11
C VAL B 688 -7.20 3.58 -11.36
C VAL B 688 -7.16 3.52 -11.37
N LEU B 689 -6.81 4.11 -12.52
CA LEU B 689 -7.41 3.66 -13.78
C LEU B 689 -7.08 2.20 -14.08
N LYS B 690 -5.84 1.79 -13.85
CA LYS B 690 -5.43 0.43 -14.13
C LYS B 690 -6.13 -0.54 -13.20
N ASP B 691 -6.32 -0.15 -11.95
CA ASP B 691 -6.91 -1.05 -10.97
C ASP B 691 -8.41 -1.22 -11.22
N CYS B 692 -9.09 -0.13 -11.60
CA CYS B 692 -10.56 -0.18 -11.58
C CYS B 692 -11.23 -0.29 -12.94
N CYS B 693 -10.53 0.13 -13.99
CA CYS B 693 -11.19 0.45 -15.24
C CYS B 693 -10.60 -0.28 -16.43
N VAL B 694 -11.35 -0.21 -17.53
CA VAL B 694 -10.92 -0.70 -18.83
C VAL B 694 -11.33 0.34 -19.86
N SER B 695 -10.45 0.57 -20.84
CA SER B 695 -10.68 1.53 -21.90
C SER B 695 -11.16 0.80 -23.14
N TYR B 696 -12.18 1.37 -23.80
CA TYR B 696 -12.69 0.78 -25.04
C TYR B 696 -13.22 1.90 -25.90
N GLY B 697 -12.67 2.03 -27.11
CA GLY B 697 -13.10 3.07 -28.03
C GLY B 697 -12.87 4.49 -27.55
N GLY B 698 -11.93 4.67 -26.64
CA GLY B 698 -11.65 5.97 -26.08
C GLY B 698 -12.48 6.33 -24.87
N MSE B 699 -13.35 5.44 -24.42
N MSE B 699 -13.34 5.42 -24.42
CA MSE B 699 -14.12 5.65 -23.23
CA MSE B 699 -14.14 5.67 -23.23
C MSE B 699 -13.60 4.75 -22.15
C MSE B 699 -13.81 4.65 -22.14
O MSE B 699 -12.99 3.73 -22.44
O MSE B 699 -13.53 3.49 -22.42
CB MSE B 699 -15.60 5.40 -23.50
CB MSE B 699 -15.63 5.61 -23.57
CG MSE B 699 -16.13 6.32 -24.58
CG MSE B 699 -16.12 6.90 -24.24
SE MSE B 699 -16.29 8.17 -23.94
SE MSE B 699 -18.01 6.94 -24.77
CE MSE B 699 -17.58 7.96 -22.51
CE MSE B 699 -18.39 8.81 -24.31
H MSE B 699 -13.51 4.68 -24.81
H MSE B 699 -13.48 4.65 -24.78
HA MSE B 699 -14.05 6.58 -22.95
HA MSE B 699 -13.93 6.55 -22.89
HB2 MSE B 699 -15.72 4.49 -23.79
HB2 MSE B 699 -15.79 4.88 -24.18
HB3 MSE B 699 -16.11 5.55 -22.68
HB3 MSE B 699 -16.14 5.48 -22.75
HG2 MSE B 699 -15.53 6.31 -25.33
HG2 MSE B 699 -15.99 7.63 -23.61
HG3 MSE B 699 -17.02 6.02 -24.85
HG3 MSE B 699 -15.59 7.05 -25.04
HE1 MSE B 699 -18.40 7.58 -22.86
HE1 MSE B 699 -18.55 8.88 -23.35
HE2 MSE B 699 -17.21 7.36 -21.83
HE2 MSE B 699 -17.64 9.36 -24.57
HE3 MSE B 699 -17.75 8.83 -22.11
HE3 MSE B 699 -19.19 9.09 -24.79
N TRP B 700 -13.87 5.12 -20.90
CA TRP B 700 -13.47 4.33 -19.74
C TRP B 700 -14.69 3.79 -19.02
N TYR B 701 -14.62 2.51 -18.71
CA TYR B 701 -15.65 1.72 -18.07
C TYR B 701 -15.06 1.07 -16.82
N LEU B 702 -15.91 0.70 -15.87
CA LEU B 702 -15.44 -0.25 -14.85
C LEU B 702 -15.10 -1.60 -15.48
N LYS B 703 -14.06 -2.24 -14.94
CA LYS B 703 -13.67 -3.55 -15.40
C LYS B 703 -14.86 -4.49 -15.46
N GLY B 704 -14.91 -5.29 -16.52
CA GLY B 704 -15.91 -6.31 -16.65
C GLY B 704 -17.24 -5.85 -17.17
N THR B 705 -17.41 -4.56 -17.45
CA THR B 705 -18.72 -4.05 -17.83
C THR B 705 -18.85 -3.78 -19.31
N VAL B 706 -17.78 -3.92 -20.09
CA VAL B 706 -17.85 -3.71 -21.53
C VAL B 706 -18.36 -4.97 -22.20
N GLN B 707 -19.36 -4.81 -23.09
CA GLN B 707 -19.91 -5.93 -23.83
C GLN B 707 -19.14 -6.06 -25.14
N SER B 708 -17.88 -6.47 -25.01
CA SER B 708 -16.96 -6.63 -26.12
C SER B 708 -17.35 -7.75 -27.09
C ACT C . 28.13 -4.24 20.32
O ACT C . 27.64 -4.47 19.17
OXT ACT C . 27.71 -4.85 21.35
CH3 ACT C . 29.23 -3.21 20.47
H1 ACT C . 29.87 -3.47 21.30
H2 ACT C . 28.79 -2.23 20.65
H3 ACT C . 29.83 -3.18 19.56
C ACT D . -24.44 0.95 -25.27
O ACT D . -24.73 2.18 -25.42
OXT ACT D . -23.27 0.59 -24.99
CH3 ACT D . -25.56 -0.07 -25.38
H1 ACT D . -26.51 0.39 -25.15
H2 ACT D . -25.39 -0.88 -24.68
H3 ACT D . -25.59 -0.46 -26.39
#